data_7QR2
#
_entry.id   7QR2
#
_cell.length_a   53.742
_cell.length_b   64.275
_cell.length_c   115.525
_cell.angle_alpha   90.000
_cell.angle_beta   90.000
_cell.angle_gamma   90.000
#
_symmetry.space_group_name_H-M   'P 21 21 21'
#
loop_
_entity.id
_entity.type
_entity.pdbx_description
1 polymer 'Ovalbumin-related protein X'
2 non-polymer 'SULFATE ION'
3 non-polymer 1,2-ETHANEDIOL
4 water water
#
_entity_poly.entity_id   1
_entity_poly.type   'polypeptide(L)'
_entity_poly.pdbx_seq_one_letter_code
;MFFYNTDFRMGSISAANAEFCFDVFNELKVQHTNENILYSPLSIIVALAMVYMGARGNTEYQMEKALHFDSIAGLGGSTQ
TKVQKPKCGKSVNIHLLFKELLSDITASKANYSLRIANRLYAEKSRPILPIYLKCVKKLYRAGLETVNFKTASDQARQLI
NSWVEKQTEGQIKDLLVSSSTDLDTTLVLVNAIYFKGMWKTAFNAEDTREMPFHVTKEESKPVQMMCMNNSFNVATLPAE
KMKILELPFASGDLSMLVLLPDEVSGLERIEKTINFEKLTEWTNPNTMEKRRVKVYLPQMKIEEKYNLTSVLMALGMTDL
FIPSANLTGISSAESLKISQAVHGAFMELSEDGIEMAGSTGVIEDIKHSPELEQFRADHPFLFLIKHNPTNTIVYFGRYW
SP
;
_entity_poly.pdbx_strand_id   A
#
loop_
_chem_comp.id
_chem_comp.type
_chem_comp.name
_chem_comp.formula
EDO non-polymer 1,2-ETHANEDIOL 'C2 H6 O2'
SO4 non-polymer 'SULFATE ION' 'O4 S -2'
#
# COMPACT_ATOMS: atom_id res chain seq x y z
N PHE A 8 -23.96 -2.41 1.25
CA PHE A 8 -22.50 -2.35 1.18
C PHE A 8 -22.08 -1.08 0.44
N ARG A 9 -22.08 0.04 1.18
CA ARG A 9 -21.73 1.33 0.59
C ARG A 9 -20.30 1.33 0.05
N MET A 10 -19.37 0.78 0.81
CA MET A 10 -17.96 0.86 0.44
C MET A 10 -17.54 -0.17 -0.61
N GLY A 11 -18.49 -0.94 -1.16
CA GLY A 11 -18.11 -2.05 -2.03
C GLY A 11 -17.46 -1.62 -3.34
N SER A 12 -18.00 -0.56 -3.95
CA SER A 12 -17.43 -0.14 -5.22
C SER A 12 -16.06 0.48 -5.02
N ILE A 13 -15.86 1.18 -3.89
CA ILE A 13 -14.56 1.77 -3.61
C ILE A 13 -13.53 0.68 -3.28
N SER A 14 -13.96 -0.37 -2.57
CA SER A 14 -13.06 -1.48 -2.29
C SER A 14 -12.64 -2.19 -3.58
N ALA A 15 -13.59 -2.34 -4.51
CA ALA A 15 -13.30 -2.97 -5.79
C ALA A 15 -12.35 -2.13 -6.65
N ALA A 16 -12.60 -0.82 -6.73
CA ALA A 16 -11.67 0.06 -7.44
C ALA A 16 -10.26 -0.02 -6.85
N ASN A 17 -10.18 -0.04 -5.52
CA ASN A 17 -8.88 -0.13 -4.87
C ASN A 17 -8.16 -1.43 -5.26
N ALA A 18 -8.89 -2.56 -5.29
CA ALA A 18 -8.27 -3.83 -5.65
C ALA A 18 -7.82 -3.85 -7.12
N GLU A 19 -8.63 -3.32 -8.02
CA GLU A 19 -8.22 -3.30 -9.42
C GLU A 19 -6.99 -2.42 -9.58
N PHE A 20 -6.98 -1.27 -8.91
CA PHE A 20 -5.80 -0.42 -8.93
C PHE A 20 -4.60 -1.13 -8.31
N CYS A 21 -4.82 -1.87 -7.22
CA CYS A 21 -3.73 -2.60 -6.58
C CYS A 21 -3.01 -3.48 -7.60
N PHE A 22 -3.77 -4.25 -8.36
CA PHE A 22 -3.11 -5.19 -9.28
C PHE A 22 -2.58 -4.49 -10.52
N ASP A 23 -3.19 -3.36 -10.91
CA ASP A 23 -2.58 -2.55 -11.96
C ASP A 23 -1.20 -2.05 -11.53
N VAL A 24 -1.09 -1.56 -10.30
CA VAL A 24 0.20 -1.12 -9.77
C VAL A 24 1.17 -2.29 -9.69
N PHE A 25 0.71 -3.42 -9.14
CA PHE A 25 1.63 -4.56 -9.00
C PHE A 25 2.20 -4.96 -10.35
N ASN A 26 1.36 -4.97 -11.38
CA ASN A 26 1.82 -5.37 -12.71
C ASN A 26 2.93 -4.46 -13.23
N GLU A 27 2.85 -3.16 -12.94
CA GLU A 27 3.93 -2.26 -13.34
C GLU A 27 5.10 -2.34 -12.39
N LEU A 28 4.82 -2.31 -11.09
CA LEU A 28 5.89 -2.27 -10.09
CA LEU A 28 5.90 -2.24 -10.12
C LEU A 28 6.81 -3.45 -10.22
N LYS A 29 6.23 -4.64 -10.45
CA LYS A 29 7.06 -5.82 -10.49
C LYS A 29 8.01 -5.79 -11.69
N VAL A 30 7.75 -4.98 -12.73
CA VAL A 30 8.64 -4.96 -13.88
C VAL A 30 10.01 -4.39 -13.50
N GLN A 31 10.03 -3.42 -12.59
CA GLN A 31 11.28 -2.75 -12.25
C GLN A 31 11.79 -3.13 -10.87
N HIS A 32 11.11 -4.04 -10.17
CA HIS A 32 11.56 -4.52 -8.88
C HIS A 32 11.62 -6.04 -8.92
N THR A 33 12.42 -6.55 -9.83
CA THR A 33 12.58 -7.99 -9.94
C THR A 33 13.52 -8.51 -8.87
N ASN A 34 13.26 -9.74 -8.43
CA ASN A 34 14.13 -10.41 -7.46
C ASN A 34 14.31 -9.55 -6.21
N GLU A 35 13.20 -8.98 -5.76
CA GLU A 35 13.19 -8.02 -4.67
C GLU A 35 11.89 -8.17 -3.89
N ASN A 36 11.95 -7.96 -2.57
CA ASN A 36 10.71 -7.75 -1.83
C ASN A 36 9.96 -6.56 -2.39
N ILE A 37 8.63 -6.64 -2.33
CA ILE A 37 7.72 -5.56 -2.72
C ILE A 37 6.75 -5.31 -1.58
N LEU A 38 6.49 -4.02 -1.26
CA LEU A 38 5.51 -3.72 -0.22
C LEU A 38 4.95 -2.35 -0.51
N TYR A 39 3.63 -2.26 -0.71
CA TYR A 39 3.02 -0.92 -0.91
C TYR A 39 1.58 -0.97 -0.45
N SER A 40 0.97 0.22 -0.27
CA SER A 40 -0.41 0.31 0.11
C SER A 40 -1.19 0.85 -1.06
N PRO A 41 -1.98 0.05 -1.76
CA PRO A 41 -2.83 0.63 -2.81
C PRO A 41 -3.81 1.63 -2.24
N LEU A 42 -4.25 1.41 -0.99
CA LEU A 42 -5.24 2.29 -0.37
C LEU A 42 -4.65 3.66 -0.12
N SER A 43 -3.44 3.71 0.44
CA SER A 43 -2.91 5.04 0.72
C SER A 43 -2.54 5.76 -0.56
N ILE A 44 -2.10 5.02 -1.58
CA ILE A 44 -1.78 5.66 -2.85
C ILE A 44 -3.04 6.19 -3.51
N ILE A 45 -4.10 5.37 -3.54
CA ILE A 45 -5.32 5.80 -4.24
C ILE A 45 -5.96 6.98 -3.51
N VAL A 46 -5.86 7.04 -2.17
CA VAL A 46 -6.39 8.20 -1.44
C VAL A 46 -5.58 9.45 -1.81
N ALA A 47 -4.25 9.31 -1.88
CA ALA A 47 -3.43 10.47 -2.26
C ALA A 47 -3.82 10.97 -3.63
N LEU A 48 -4.01 10.05 -4.57
CA LEU A 48 -4.35 10.47 -5.94
C LEU A 48 -5.77 11.04 -6.01
N ALA A 49 -6.69 10.48 -5.24
CA ALA A 49 -8.05 11.01 -5.21
C ALA A 49 -8.04 12.46 -4.74
N MET A 50 -7.19 12.79 -3.77
CA MET A 50 -7.08 14.18 -3.32
C MET A 50 -6.63 15.11 -4.43
N VAL A 51 -5.63 14.68 -5.22
CA VAL A 51 -5.20 15.47 -6.38
C VAL A 51 -6.30 15.53 -7.43
N TYR A 52 -6.94 14.39 -7.70
CA TYR A 52 -8.03 14.31 -8.67
C TYR A 52 -9.11 15.36 -8.42
N MET A 53 -9.37 15.65 -7.15
CA MET A 53 -10.37 16.65 -6.78
C MET A 53 -10.08 18.00 -7.43
N GLY A 54 -8.80 18.32 -7.68
CA GLY A 54 -8.44 19.56 -8.35
C GLY A 54 -8.02 19.45 -9.79
N ALA A 55 -8.06 18.25 -10.38
CA ALA A 55 -7.70 18.08 -11.78
C ALA A 55 -8.90 18.37 -12.67
N ARG A 56 -8.61 18.83 -13.90
CA ARG A 56 -9.64 19.12 -14.89
C ARG A 56 -9.23 18.58 -16.25
N GLY A 57 -10.18 18.59 -17.18
CA GLY A 57 -9.86 18.28 -18.57
C GLY A 57 -9.28 16.89 -18.73
N ASN A 58 -8.32 16.76 -19.65
CA ASN A 58 -7.71 15.46 -19.94
C ASN A 58 -7.01 14.87 -18.71
N THR A 59 -6.39 15.71 -17.88
CA THR A 59 -5.69 15.23 -16.70
C THR A 59 -6.66 14.49 -15.78
N GLU A 60 -7.83 15.09 -15.56
CA GLU A 60 -8.88 14.52 -14.75
C GLU A 60 -9.41 13.23 -15.36
N TYR A 61 -9.67 13.25 -16.66
CA TYR A 61 -10.19 12.07 -17.36
C TYR A 61 -9.23 10.90 -17.23
N GLN A 62 -7.92 11.15 -17.45
CA GLN A 62 -6.92 10.07 -17.28
C GLN A 62 -6.95 9.50 -15.88
N MET A 63 -7.06 10.36 -14.86
CA MET A 63 -7.08 9.83 -13.50
C MET A 63 -8.35 9.04 -13.24
N GLU A 64 -9.49 9.53 -13.73
CA GLU A 64 -10.74 8.81 -13.51
C GLU A 64 -10.65 7.38 -14.03
N LYS A 65 -10.04 7.20 -15.21
CA LYS A 65 -9.95 5.88 -15.80
C LYS A 65 -8.93 5.02 -15.05
N ALA A 66 -7.75 5.57 -14.76
CA ALA A 66 -6.67 4.79 -14.14
C ALA A 66 -6.98 4.43 -12.69
N LEU A 67 -7.76 5.24 -11.99
CA LEU A 67 -8.11 4.92 -10.61
C LEU A 67 -9.38 4.09 -10.53
N HIS A 68 -9.99 3.77 -11.67
CA HIS A 68 -11.17 2.94 -11.76
C HIS A 68 -12.38 3.61 -11.13
N PHE A 69 -12.36 4.94 -11.09
CA PHE A 69 -13.50 5.69 -10.59
C PHE A 69 -14.62 5.75 -11.63
N ASP A 70 -14.31 5.49 -12.90
CA ASP A 70 -15.35 5.51 -13.93
C ASP A 70 -16.31 4.34 -13.82
N SER A 71 -16.13 3.46 -12.83
CA SER A 71 -17.02 2.34 -12.62
C SER A 71 -17.67 2.37 -11.23
N ILE A 72 -17.50 3.45 -10.48
CA ILE A 72 -18.13 3.58 -9.16
C ILE A 72 -18.93 4.87 -9.07
N LYS A 87 -20.33 21.24 -4.65
CA LYS A 87 -19.56 21.46 -3.42
C LYS A 87 -18.07 21.31 -3.68
N CYS A 88 -17.58 20.08 -3.56
CA CYS A 88 -16.18 19.76 -3.82
C CYS A 88 -16.02 18.94 -5.09
N GLY A 89 -16.91 19.15 -6.07
CA GLY A 89 -16.76 18.51 -7.36
C GLY A 89 -17.74 17.35 -7.54
N LYS A 90 -17.66 16.76 -8.73
CA LYS A 90 -18.63 15.76 -9.15
C LYS A 90 -18.50 14.45 -8.37
N SER A 91 -17.33 14.14 -7.83
CA SER A 91 -17.08 12.86 -7.17
C SER A 91 -17.04 12.98 -5.64
N VAL A 92 -17.81 13.91 -5.07
CA VAL A 92 -17.73 14.16 -3.63
C VAL A 92 -18.05 12.89 -2.84
N ASN A 93 -18.97 12.05 -3.36
CA ASN A 93 -19.30 10.81 -2.69
C ASN A 93 -18.08 9.90 -2.54
N ILE A 94 -17.27 9.81 -3.60
CA ILE A 94 -16.05 9.01 -3.55
C ILE A 94 -15.12 9.55 -2.46
N HIS A 95 -14.95 10.87 -2.41
CA HIS A 95 -14.09 11.46 -1.39
C HIS A 95 -14.64 11.14 0.00
N LEU A 96 -15.96 11.24 0.17
CA LEU A 96 -16.58 10.99 1.46
C LEU A 96 -16.40 9.55 1.90
N LEU A 97 -16.46 8.60 0.95
CA LEU A 97 -16.29 7.19 1.30
C LEU A 97 -14.86 6.89 1.70
N PHE A 98 -13.88 7.47 1.00
CA PHE A 98 -12.48 7.29 1.39
C PHE A 98 -12.19 7.89 2.75
N LYS A 99 -12.79 9.04 3.05
CA LYS A 99 -12.56 9.67 4.33
C LYS A 99 -13.06 8.78 5.46
N GLU A 100 -14.26 8.23 5.29
CA GLU A 100 -14.86 7.34 6.27
C GLU A 100 -14.03 6.07 6.45
N LEU A 101 -13.58 5.47 5.34
CA LEU A 101 -12.78 4.26 5.38
C LEU A 101 -11.45 4.47 6.11
N LEU A 102 -10.74 5.56 5.77
CA LEU A 102 -9.48 5.86 6.45
C LEU A 102 -9.69 6.13 7.94
N SER A 103 -10.80 6.77 8.31
CA SER A 103 -11.03 7.02 9.72
C SER A 103 -11.23 5.71 10.49
N ASP A 104 -11.91 4.74 9.88
CA ASP A 104 -12.04 3.42 10.48
C ASP A 104 -10.67 2.82 10.80
N ILE A 105 -9.81 2.73 9.79
CA ILE A 105 -8.63 1.90 9.94
C ILE A 105 -7.45 2.62 10.60
N THR A 106 -7.44 3.95 10.59
CA THR A 106 -6.35 4.67 11.23
C THR A 106 -6.76 4.89 12.68
N ALA A 107 -5.84 4.60 13.56
CA ALA A 107 -6.13 4.44 14.97
C ALA A 107 -4.87 3.92 15.63
N SER A 108 -4.79 4.12 16.93
CA SER A 108 -3.89 3.42 17.82
C SER A 108 -4.79 2.85 18.91
N LYS A 109 -5.03 1.55 18.86
CA LYS A 109 -5.53 0.80 19.99
C LYS A 109 -4.34 0.14 20.67
N ALA A 110 -4.61 -0.60 21.74
CA ALA A 110 -3.58 -1.49 22.25
C ALA A 110 -3.18 -2.46 21.14
N ASN A 111 -1.88 -2.61 20.91
CA ASN A 111 -1.31 -3.59 20.00
C ASN A 111 -1.67 -3.32 18.55
N TYR A 112 -2.07 -2.10 18.21
CA TYR A 112 -2.44 -1.77 16.84
C TYR A 112 -2.07 -0.33 16.57
N SER A 113 -1.24 -0.10 15.58
CA SER A 113 -0.89 1.25 15.17
CA SER A 113 -0.90 1.26 15.18
C SER A 113 -0.85 1.27 13.66
N LEU A 114 -1.75 2.01 13.06
CA LEU A 114 -1.75 2.22 11.61
CA LEU A 114 -1.74 2.22 11.62
C LEU A 114 -1.79 3.72 11.40
N ARG A 115 -0.81 4.22 10.66
CA ARG A 115 -0.67 5.64 10.40
C ARG A 115 -0.50 5.83 8.90
N ILE A 116 -1.27 6.76 8.33
CA ILE A 116 -1.08 7.16 6.95
C ILE A 116 -0.67 8.63 6.93
N ALA A 117 0.43 8.92 6.26
CA ALA A 117 0.93 10.27 6.14
C ALA A 117 0.72 10.65 4.68
N ASN A 118 -0.15 11.62 4.42
CA ASN A 118 -0.51 11.91 3.04
C ASN A 118 -0.54 13.42 2.86
N ARG A 119 0.34 13.92 2.00
CA ARG A 119 0.38 15.38 1.86
C ARG A 119 0.80 15.74 0.45
N LEU A 120 0.16 16.80 -0.05
CA LEU A 120 0.59 17.47 -1.28
C LEU A 120 1.33 18.70 -0.84
N TYR A 121 2.60 18.82 -1.20
CA TYR A 121 3.38 20.03 -0.93
C TYR A 121 3.40 20.89 -2.16
N ALA A 122 3.10 22.18 -1.99
CA ALA A 122 2.88 23.08 -3.11
C ALA A 122 3.78 24.29 -3.00
N GLU A 123 4.39 24.66 -4.13
CA GLU A 123 5.24 25.86 -4.15
C GLU A 123 4.45 27.12 -3.83
N LYS A 124 5.07 27.99 -3.03
CA LYS A 124 4.47 29.25 -2.57
C LYS A 124 3.86 30.07 -3.71
N SER A 125 4.59 30.20 -4.82
CA SER A 125 4.15 31.07 -5.90
C SER A 125 3.10 30.41 -6.79
N ARG A 126 2.59 29.24 -6.39
CA ARG A 126 1.42 28.62 -7.01
C ARG A 126 0.26 28.72 -6.03
N PRO A 127 -0.36 29.89 -5.89
CA PRO A 127 -1.37 30.08 -4.85
C PRO A 127 -2.51 29.08 -5.00
N ILE A 128 -3.00 28.60 -3.86
CA ILE A 128 -4.04 27.57 -3.84
C ILE A 128 -5.39 28.25 -3.86
N LEU A 129 -6.28 27.75 -4.71
CA LEU A 129 -7.64 28.24 -4.74
C LEU A 129 -8.29 28.03 -3.39
N PRO A 130 -8.97 29.03 -2.85
CA PRO A 130 -9.64 28.82 -1.56
C PRO A 130 -10.54 27.60 -1.53
N ILE A 131 -11.28 27.34 -2.62
CA ILE A 131 -12.20 26.20 -2.61
C ILE A 131 -11.44 24.89 -2.48
N TYR A 132 -10.31 24.75 -3.16
CA TYR A 132 -9.53 23.53 -3.01
C TYR A 132 -9.02 23.38 -1.59
N LEU A 133 -8.53 24.48 -1.00
CA LEU A 133 -8.06 24.42 0.36
C LEU A 133 -9.18 23.99 1.30
N LYS A 134 -10.38 24.55 1.12
CA LYS A 134 -11.50 24.18 1.98
C LYS A 134 -11.89 22.71 1.78
N CYS A 135 -11.88 22.26 0.51
CA CYS A 135 -12.22 20.88 0.22
C CYS A 135 -11.20 19.93 0.81
N VAL A 136 -9.92 20.31 0.79
CA VAL A 136 -8.92 19.43 1.41
C VAL A 136 -9.14 19.38 2.92
N LYS A 137 -9.42 20.52 3.54
CA LYS A 137 -9.66 20.53 4.98
C LYS A 137 -10.84 19.61 5.34
N LYS A 138 -11.95 19.74 4.61
CA LYS A 138 -13.14 18.95 4.94
C LYS A 138 -12.92 17.47 4.65
N LEU A 139 -12.24 17.13 3.56
CA LEU A 139 -12.20 15.75 3.09
C LEU A 139 -10.88 15.04 3.29
N TYR A 140 -9.76 15.77 3.29
CA TYR A 140 -8.44 15.14 3.30
C TYR A 140 -7.55 15.68 4.41
N ARG A 141 -8.10 15.87 5.62
CA ARG A 141 -7.28 16.16 6.79
C ARG A 141 -6.35 17.35 6.58
N ALA A 142 -5.15 17.26 7.13
CA ALA A 142 -4.12 18.27 6.88
C ALA A 142 -3.28 17.87 5.67
N GLY A 143 -3.96 17.70 4.53
CA GLY A 143 -3.28 17.07 3.42
C GLY A 143 -2.61 18.00 2.42
N LEU A 144 -2.53 19.30 2.72
CA LEU A 144 -1.93 20.22 1.78
C LEU A 144 -1.06 21.20 2.56
N GLU A 145 0.16 21.40 2.10
CA GLU A 145 1.05 22.36 2.75
C GLU A 145 1.73 23.18 1.67
N THR A 146 1.74 24.51 1.83
CA THR A 146 2.51 25.38 0.95
C THR A 146 3.91 25.59 1.54
N VAL A 147 4.94 25.44 0.70
CA VAL A 147 6.32 25.65 1.07
C VAL A 147 7.05 26.43 0.00
N ASN A 148 8.19 26.99 0.37
CA ASN A 148 8.98 27.77 -0.58
C ASN A 148 9.99 26.85 -1.30
N PHE A 149 9.56 26.17 -2.36
CA PHE A 149 10.53 25.44 -3.17
C PHE A 149 11.43 26.38 -3.97
N LYS A 150 10.92 27.54 -4.38
CA LYS A 150 11.64 28.38 -5.34
C LYS A 150 13.01 28.78 -4.82
N THR A 151 13.09 29.25 -3.57
CA THR A 151 14.38 29.68 -3.02
C THR A 151 14.76 28.91 -1.75
N ALA A 152 13.99 27.90 -1.37
CA ALA A 152 14.36 27.07 -0.22
C ALA A 152 14.04 25.60 -0.45
N SER A 153 14.18 25.15 -1.70
CA SER A 153 13.85 23.76 -2.01
C SER A 153 14.62 22.77 -1.14
N ASP A 154 15.86 23.08 -0.74
CA ASP A 154 16.49 22.03 0.06
C ASP A 154 15.95 21.99 1.49
N GLN A 155 15.76 23.14 2.14
CA GLN A 155 15.11 23.12 3.45
C GLN A 155 13.71 22.51 3.37
N ALA A 156 12.97 22.81 2.31
CA ALA A 156 11.66 22.20 2.13
C ALA A 156 11.78 20.67 2.08
N ARG A 157 12.80 20.17 1.38
CA ARG A 157 13.01 18.73 1.30
C ARG A 157 13.25 18.12 2.68
N GLN A 158 14.11 18.76 3.47
CA GLN A 158 14.43 18.24 4.79
C GLN A 158 13.21 18.26 5.68
N LEU A 159 12.39 19.30 5.56
CA LEU A 159 11.16 19.39 6.35
C LEU A 159 10.20 18.29 5.97
N ILE A 160 10.02 18.04 4.65
CA ILE A 160 9.16 16.95 4.18
C ILE A 160 9.67 15.62 4.72
N ASN A 161 10.97 15.36 4.56
CA ASN A 161 11.48 14.04 4.98
C ASN A 161 11.40 13.86 6.49
N SER A 162 11.58 14.94 7.25
CA SER A 162 11.45 14.83 8.72
C SER A 162 10.04 14.48 9.12
N TRP A 163 9.06 15.10 8.46
CA TRP A 163 7.66 14.79 8.71
C TRP A 163 7.38 13.31 8.42
N VAL A 164 7.83 12.83 7.27
CA VAL A 164 7.60 11.41 6.94
C VAL A 164 8.28 10.53 7.97
N GLU A 165 9.50 10.89 8.37
CA GLU A 165 10.24 10.06 9.30
C GLU A 165 9.55 10.02 10.66
N LYS A 166 9.05 11.17 11.12
CA LYS A 166 8.35 11.19 12.41
C LYS A 166 7.07 10.36 12.34
N GLN A 167 6.29 10.58 11.28
CA GLN A 167 4.98 9.92 11.16
C GLN A 167 5.11 8.41 11.03
N THR A 168 6.23 7.93 10.52
CA THR A 168 6.44 6.48 10.39
C THR A 168 7.35 5.92 11.48
N GLU A 169 7.39 6.58 12.65
CA GLU A 169 8.09 6.06 13.82
C GLU A 169 9.55 5.77 13.50
N GLY A 170 10.15 6.65 12.70
CA GLY A 170 11.55 6.52 12.38
C GLY A 170 11.86 5.58 11.24
N GLN A 171 10.85 4.94 10.63
CA GLN A 171 11.15 3.84 9.72
C GLN A 171 11.36 4.25 8.27
N ILE A 172 10.71 5.31 7.81
CA ILE A 172 10.83 5.74 6.41
C ILE A 172 11.68 7.00 6.44
N LYS A 173 12.95 6.87 6.10
CA LYS A 173 13.90 7.98 6.10
C LYS A 173 14.24 8.37 4.67
N ASP A 174 14.51 9.65 4.48
CA ASP A 174 14.96 10.19 3.20
C ASP A 174 14.04 9.79 2.04
N LEU A 175 12.73 9.92 2.23
CA LEU A 175 11.80 9.47 1.18
C LEU A 175 11.98 10.30 -0.10
N LEU A 176 12.14 11.61 0.04
CA LEU A 176 12.50 12.49 -1.07
C LEU A 176 14.01 12.60 -1.14
N VAL A 177 14.62 11.99 -2.15
CA VAL A 177 16.08 11.98 -2.20
C VAL A 177 16.63 13.29 -2.72
N SER A 178 17.94 13.48 -2.56
CA SER A 178 18.56 14.78 -2.79
C SER A 178 18.33 15.28 -4.22
N SER A 179 18.36 14.39 -5.21
CA SER A 179 18.21 14.90 -6.58
C SER A 179 16.78 15.32 -6.92
N SER A 180 15.81 15.14 -6.02
CA SER A 180 14.42 15.09 -6.44
C SER A 180 13.69 16.43 -6.38
N THR A 181 14.22 17.44 -5.68
CA THR A 181 13.56 18.74 -5.62
C THR A 181 14.57 19.82 -6.01
N ASP A 182 14.06 20.89 -6.60
CA ASP A 182 14.91 22.02 -6.95
C ASP A 182 14.03 23.26 -7.06
N LEU A 183 14.63 24.36 -7.50
CA LEU A 183 13.91 25.63 -7.53
C LEU A 183 12.73 25.62 -8.48
N ASP A 184 12.58 24.58 -9.31
CA ASP A 184 11.46 24.50 -10.25
C ASP A 184 10.37 23.54 -9.80
N THR A 185 10.57 22.89 -8.66
CA THR A 185 9.53 22.02 -8.14
C THR A 185 8.29 22.85 -7.86
N THR A 186 7.13 22.37 -8.33
CA THR A 186 5.91 23.06 -7.95
C THR A 186 4.98 22.24 -7.08
N LEU A 187 4.82 20.93 -7.31
CA LEU A 187 3.99 20.10 -6.46
C LEU A 187 4.68 18.76 -6.21
N VAL A 188 4.68 18.30 -4.96
CA VAL A 188 5.20 16.99 -4.62
C VAL A 188 4.14 16.24 -3.83
N LEU A 189 3.84 15.00 -4.25
CA LEU A 189 2.87 14.18 -3.56
C LEU A 189 3.63 13.18 -2.71
N VAL A 190 3.38 13.21 -1.42
CA VAL A 190 4.19 12.46 -0.46
C VAL A 190 3.25 11.56 0.30
N ASN A 191 3.51 10.26 0.27
CA ASN A 191 2.54 9.36 0.85
C ASN A 191 3.31 8.27 1.59
N ALA A 192 2.99 8.03 2.85
CA ALA A 192 3.68 6.97 3.56
C ALA A 192 2.72 6.27 4.48
N ILE A 193 2.94 4.98 4.69
CA ILE A 193 2.07 4.25 5.58
C ILE A 193 2.93 3.44 6.53
N TYR A 194 2.50 3.40 7.81
CA TYR A 194 3.16 2.62 8.84
C TYR A 194 2.15 1.70 9.52
N PHE A 195 2.52 0.43 9.68
CA PHE A 195 1.64 -0.46 10.41
C PHE A 195 2.49 -1.31 11.33
N LYS A 196 2.12 -1.35 12.61
CA LYS A 196 2.68 -2.29 13.55
C LYS A 196 1.52 -2.92 14.29
N GLY A 197 1.37 -4.22 14.11
CA GLY A 197 0.34 -4.98 14.77
C GLY A 197 0.92 -6.18 15.48
N MET A 198 0.02 -6.99 16.01
CA MET A 198 0.42 -8.15 16.79
C MET A 198 -0.34 -9.37 16.29
N TRP A 199 0.36 -10.48 16.20
CA TRP A 199 -0.29 -11.73 15.83
C TRP A 199 -1.29 -12.13 16.90
N LYS A 200 -2.49 -12.57 16.48
CA LYS A 200 -3.50 -13.04 17.44
C LYS A 200 -3.08 -14.38 18.04
N THR A 201 -2.99 -15.41 17.20
CA THR A 201 -2.31 -16.60 17.63
C THR A 201 -0.86 -16.20 17.82
N ALA A 202 -0.52 -15.83 19.06
CA ALA A 202 0.85 -15.51 19.43
C ALA A 202 1.80 -16.61 19.00
N PHE A 203 2.83 -16.23 18.24
CA PHE A 203 3.98 -17.09 17.99
C PHE A 203 4.92 -17.01 19.19
N ASN A 204 5.18 -18.15 19.83
CA ASN A 204 6.09 -18.17 20.98
C ASN A 204 7.53 -18.01 20.51
N ALA A 205 8.22 -17.00 21.05
CA ALA A 205 9.59 -16.71 20.62
C ALA A 205 10.56 -17.82 20.98
N GLU A 206 10.23 -18.67 21.95
CA GLU A 206 11.05 -19.83 22.24
C GLU A 206 11.02 -20.85 21.11
N ASP A 207 10.11 -20.71 20.14
CA ASP A 207 10.04 -21.58 18.98
C ASP A 207 10.60 -20.94 17.71
N THR A 208 10.72 -19.61 17.67
CA THR A 208 11.40 -18.93 16.59
C THR A 208 12.86 -19.35 16.51
N ARG A 209 13.35 -19.62 15.29
CA ARG A 209 14.72 -20.09 15.12
C ARG A 209 15.12 -19.85 13.67
N GLU A 210 16.42 -19.90 13.41
CA GLU A 210 16.94 -19.70 12.07
C GLU A 210 16.68 -20.92 11.19
N MET A 211 16.13 -20.69 10.00
CA MET A 211 15.87 -21.76 9.05
C MET A 211 16.26 -21.27 7.67
N PRO A 212 16.61 -22.18 6.75
CA PRO A 212 16.94 -21.74 5.38
C PRO A 212 15.69 -21.24 4.65
N PHE A 213 15.80 -20.07 4.05
CA PHE A 213 14.78 -19.60 3.14
C PHE A 213 15.28 -19.87 1.72
N HIS A 214 14.51 -20.64 0.97
CA HIS A 214 14.88 -21.06 -0.38
C HIS A 214 14.37 -20.01 -1.36
N VAL A 215 15.18 -18.99 -1.60
CA VAL A 215 14.85 -17.97 -2.59
C VAL A 215 14.69 -18.61 -3.96
N THR A 216 15.64 -19.47 -4.32
CA THR A 216 15.52 -20.32 -5.51
C THR A 216 15.96 -21.72 -5.12
N LYS A 217 15.85 -22.65 -6.06
CA LYS A 217 16.34 -24.01 -5.81
C LYS A 217 17.84 -24.01 -5.54
N GLU A 218 18.57 -23.03 -6.08
CA GLU A 218 20.01 -22.97 -5.88
C GLU A 218 20.45 -22.03 -4.77
N GLU A 219 19.63 -21.05 -4.39
CA GLU A 219 20.02 -19.98 -3.48
C GLU A 219 19.16 -20.02 -2.23
N SER A 220 19.79 -20.22 -1.07
CA SER A 220 19.09 -20.10 0.19
C SER A 220 19.81 -19.06 1.06
N LYS A 221 19.03 -18.40 1.92
CA LYS A 221 19.48 -17.39 2.85
C LYS A 221 18.82 -17.66 4.20
N PRO A 222 19.54 -17.47 5.31
CA PRO A 222 18.95 -17.73 6.62
C PRO A 222 17.91 -16.66 6.98
N VAL A 223 16.83 -17.10 7.63
CA VAL A 223 15.83 -16.17 8.12
C VAL A 223 15.39 -16.62 9.50
N GLN A 224 14.99 -15.66 10.33
CA GLN A 224 14.33 -16.02 11.59
C GLN A 224 12.91 -16.45 11.28
N MET A 225 12.59 -17.71 11.56
CA MET A 225 11.33 -18.30 11.14
C MET A 225 10.47 -18.51 12.37
N MET A 226 9.26 -17.95 12.35
CA MET A 226 8.31 -18.20 13.42
C MET A 226 7.55 -19.49 13.13
N CYS A 227 7.15 -20.18 14.21
CA CYS A 227 6.39 -21.41 14.06
C CYS A 227 5.15 -21.33 14.95
N MET A 228 4.00 -21.61 14.35
CA MET A 228 2.71 -21.63 15.04
C MET A 228 2.05 -22.97 14.75
N ASN A 229 1.21 -23.42 15.67
CA ASN A 229 0.44 -24.64 15.44
C ASN A 229 -0.92 -24.40 16.07
N ASN A 230 -1.91 -24.04 15.25
CA ASN A 230 -3.23 -23.69 15.78
C ASN A 230 -4.25 -23.86 14.67
N SER A 231 -5.50 -23.56 15.01
CA SER A 231 -6.59 -23.54 14.04
C SER A 231 -6.53 -22.25 13.23
N PHE A 232 -6.55 -22.38 11.91
CA PHE A 232 -6.54 -21.25 10.98
C PHE A 232 -7.46 -21.56 9.81
N ASN A 233 -8.01 -20.52 9.21
CA ASN A 233 -8.66 -20.66 7.91
C ASN A 233 -7.61 -20.75 6.82
N VAL A 234 -7.69 -21.79 5.99
CA VAL A 234 -6.72 -22.00 4.94
C VAL A 234 -7.42 -22.55 3.72
N ALA A 235 -7.08 -22.02 2.54
CA ALA A 235 -7.55 -22.56 1.27
C ALA A 235 -6.46 -23.44 0.70
N THR A 236 -6.80 -24.67 0.37
CA THR A 236 -5.85 -25.63 -0.17
C THR A 236 -6.24 -25.86 -1.63
N LEU A 237 -5.42 -25.38 -2.56
CA LEU A 237 -5.83 -25.21 -3.95
C LEU A 237 -4.87 -25.95 -4.88
N PRO A 238 -4.98 -27.26 -4.98
CA PRO A 238 -3.99 -27.98 -5.81
C PRO A 238 -4.06 -27.63 -7.29
N ALA A 239 -5.24 -27.26 -7.80
CA ALA A 239 -5.32 -26.90 -9.21
C ALA A 239 -4.55 -25.64 -9.53
N GLU A 240 -4.35 -24.78 -8.54
CA GLU A 240 -3.52 -23.59 -8.65
C GLU A 240 -2.14 -23.79 -8.03
N LYS A 241 -1.88 -24.97 -7.48
CA LYS A 241 -0.62 -25.32 -6.83
C LYS A 241 -0.23 -24.32 -5.75
N MET A 242 -1.19 -24.04 -4.84
CA MET A 242 -0.92 -23.05 -3.82
C MET A 242 -1.79 -23.33 -2.61
N LYS A 243 -1.41 -22.72 -1.49
CA LYS A 243 -2.24 -22.63 -0.29
C LYS A 243 -2.36 -21.16 0.08
N ILE A 244 -3.51 -20.79 0.63
CA ILE A 244 -3.72 -19.41 1.10
C ILE A 244 -4.12 -19.47 2.55
N LEU A 245 -3.30 -18.88 3.41
CA LEU A 245 -3.53 -18.89 4.85
C LEU A 245 -4.05 -17.52 5.29
N GLU A 246 -5.06 -17.53 6.17
CA GLU A 246 -5.55 -16.32 6.81
C GLU A 246 -4.97 -16.25 8.21
N LEU A 247 -4.35 -15.12 8.54
CA LEU A 247 -3.79 -14.91 9.87
CA LEU A 247 -3.79 -14.91 9.87
C LEU A 247 -4.41 -13.69 10.50
N PRO A 248 -5.23 -13.85 11.54
CA PRO A 248 -5.80 -12.69 12.23
C PRO A 248 -4.77 -12.03 13.11
N PHE A 249 -5.01 -10.77 13.40
CA PHE A 249 -4.17 -10.01 14.32
C PHE A 249 -4.82 -9.95 15.69
N ALA A 250 -4.02 -9.57 16.70
CA ALA A 250 -4.52 -9.62 18.08
C ALA A 250 -5.56 -8.53 18.33
N SER A 251 -5.49 -7.43 17.59
CA SER A 251 -6.46 -6.35 17.75
C SER A 251 -6.58 -5.61 16.43
N GLY A 252 -7.69 -4.86 16.28
CA GLY A 252 -7.98 -4.20 15.03
C GLY A 252 -8.84 -5.06 14.12
N ASP A 253 -9.22 -4.49 12.97
CA ASP A 253 -10.08 -5.19 12.01
C ASP A 253 -9.34 -5.56 10.73
N LEU A 254 -8.02 -5.66 10.81
CA LEU A 254 -7.17 -6.11 9.72
C LEU A 254 -6.75 -7.56 9.92
N SER A 255 -6.43 -8.22 8.81
CA SER A 255 -5.86 -9.57 8.87
C SER A 255 -4.93 -9.74 7.68
N MET A 256 -4.10 -10.79 7.74
CA MET A 256 -3.16 -11.05 6.66
C MET A 256 -3.60 -12.28 5.87
N LEU A 257 -3.43 -12.22 4.55
CA LEU A 257 -3.47 -13.42 3.73
C LEU A 257 -2.09 -13.70 3.19
N VAL A 258 -1.66 -14.96 3.22
CA VAL A 258 -0.38 -15.40 2.68
C VAL A 258 -0.67 -16.41 1.57
N LEU A 259 -0.24 -16.07 0.35
CA LEU A 259 -0.44 -16.95 -0.82
C LEU A 259 0.88 -17.65 -1.09
N LEU A 260 0.96 -18.95 -0.71
CA LEU A 260 2.20 -19.70 -0.73
C LEU A 260 2.16 -20.68 -1.89
N PRO A 261 2.99 -20.51 -2.93
CA PRO A 261 3.04 -21.51 -3.99
C PRO A 261 3.51 -22.83 -3.41
N ASP A 262 2.99 -23.93 -3.96
CA ASP A 262 3.41 -25.25 -3.51
C ASP A 262 4.85 -25.52 -3.88
N GLU A 263 5.31 -24.97 -5.02
CA GLU A 263 6.64 -25.26 -5.54
C GLU A 263 7.56 -24.14 -5.11
N VAL A 264 8.84 -24.48 -4.91
CA VAL A 264 9.82 -23.48 -4.48
C VAL A 264 9.81 -22.28 -5.41
N SER A 265 9.70 -22.52 -6.71
CA SER A 265 9.68 -21.44 -7.69
C SER A 265 8.32 -21.28 -8.34
N GLY A 266 7.24 -21.56 -7.59
CA GLY A 266 5.89 -21.41 -8.13
C GLY A 266 5.37 -19.99 -8.19
N LEU A 267 6.13 -19.01 -7.66
CA LEU A 267 5.62 -17.66 -7.52
C LEU A 267 5.31 -17.03 -8.87
N GLU A 268 6.22 -17.20 -9.84
CA GLU A 268 6.09 -16.49 -11.12
C GLU A 268 4.76 -16.80 -11.80
N ARG A 269 4.37 -18.07 -11.83
CA ARG A 269 3.13 -18.44 -12.49
C ARG A 269 1.95 -17.78 -11.81
N ILE A 270 2.01 -17.64 -10.49
CA ILE A 270 0.92 -17.03 -9.76
C ILE A 270 0.92 -15.52 -9.93
N GLU A 271 2.10 -14.91 -10.04
CA GLU A 271 2.14 -13.47 -10.28
C GLU A 271 1.65 -13.14 -11.67
N LYS A 272 1.88 -14.03 -12.64
CA LYS A 272 1.46 -13.79 -14.02
C LYS A 272 -0.05 -13.85 -14.15
N THR A 273 -0.70 -14.58 -13.25
CA THR A 273 -2.12 -14.85 -13.35
C THR A 273 -2.97 -14.07 -12.35
N ILE A 274 -2.40 -13.58 -11.24
CA ILE A 274 -3.22 -12.97 -10.20
C ILE A 274 -3.79 -11.65 -10.69
N ASN A 275 -5.04 -11.41 -10.31
CA ASN A 275 -5.71 -10.13 -10.46
C ASN A 275 -6.89 -10.16 -9.48
N PHE A 276 -7.71 -9.12 -9.51
CA PHE A 276 -8.81 -9.03 -8.54
C PHE A 276 -9.78 -10.21 -8.69
N GLU A 277 -10.12 -10.56 -9.94
CA GLU A 277 -11.06 -11.65 -10.16
C GLU A 277 -10.48 -12.98 -9.68
N LYS A 278 -9.23 -13.27 -10.06
CA LYS A 278 -8.62 -14.53 -9.64
C LYS A 278 -8.45 -14.58 -8.13
N LEU A 279 -8.06 -13.46 -7.51
CA LEU A 279 -7.91 -13.48 -6.05
C LEU A 279 -9.24 -13.75 -5.36
N THR A 280 -10.33 -13.25 -5.93
CA THR A 280 -11.65 -13.48 -5.36
C THR A 280 -12.05 -14.94 -5.51
N GLU A 281 -11.74 -15.54 -6.66
CA GLU A 281 -12.01 -16.96 -6.86
C GLU A 281 -11.23 -17.82 -5.86
N TRP A 282 -9.95 -17.52 -5.70
CA TRP A 282 -9.08 -18.34 -4.84
C TRP A 282 -9.45 -18.21 -3.37
N THR A 283 -10.03 -17.08 -2.95
CA THR A 283 -10.41 -16.89 -1.56
C THR A 283 -11.91 -17.06 -1.32
N ASN A 284 -12.64 -17.64 -2.26
CA ASN A 284 -14.07 -17.85 -2.07
C ASN A 284 -14.31 -18.58 -0.76
N PRO A 285 -15.34 -18.21 0.01
CA PRO A 285 -15.60 -18.90 1.27
C PRO A 285 -15.84 -20.40 1.12
N ASN A 286 -16.18 -20.88 -0.08
CA ASN A 286 -16.46 -22.29 -0.29
C ASN A 286 -15.25 -23.16 0.02
N THR A 287 -14.04 -22.69 -0.34
CA THR A 287 -12.82 -23.48 -0.20
C THR A 287 -11.92 -23.01 0.93
N MET A 288 -12.29 -21.95 1.63
CA MET A 288 -11.61 -21.53 2.84
C MET A 288 -12.09 -22.42 3.98
N GLU A 289 -11.18 -23.17 4.62
CA GLU A 289 -11.57 -24.16 5.62
C GLU A 289 -10.82 -23.95 6.93
N LYS A 290 -11.54 -24.04 8.04
CA LYS A 290 -10.93 -23.95 9.36
C LYS A 290 -10.30 -25.30 9.69
N ARG A 291 -8.98 -25.31 9.91
CA ARG A 291 -8.34 -26.58 10.28
C ARG A 291 -7.04 -26.31 11.01
N ARG A 292 -6.49 -27.37 11.61
CA ARG A 292 -5.22 -27.23 12.31
C ARG A 292 -4.08 -27.11 11.31
N VAL A 293 -3.26 -26.08 11.45
CA VAL A 293 -2.17 -25.82 10.52
C VAL A 293 -0.89 -25.62 11.31
N LYS A 294 0.19 -26.23 10.83
CA LYS A 294 1.54 -25.99 11.34
C LYS A 294 2.18 -24.94 10.44
N VAL A 295 2.29 -23.72 10.95
CA VAL A 295 2.70 -22.57 10.15
C VAL A 295 4.16 -22.24 10.41
N TYR A 296 4.94 -22.09 9.34
CA TYR A 296 6.27 -21.50 9.41
C TYR A 296 6.22 -20.22 8.60
N LEU A 297 6.50 -19.09 9.25
CA LEU A 297 6.45 -17.79 8.56
C LEU A 297 7.65 -16.96 8.98
N PRO A 298 8.34 -16.32 8.06
CA PRO A 298 9.44 -15.43 8.45
C PRO A 298 8.92 -14.27 9.30
N GLN A 299 9.75 -13.76 10.20
CA GLN A 299 9.40 -12.49 10.84
C GLN A 299 8.98 -11.47 9.78
N MET A 300 7.81 -10.84 9.98
CA MET A 300 7.19 -9.95 8.99
C MET A 300 7.46 -8.53 9.49
N LYS A 301 8.59 -7.98 9.05
CA LYS A 301 8.97 -6.60 9.31
C LYS A 301 9.66 -6.10 8.04
N ILE A 302 8.98 -5.26 7.22
CA ILE A 302 9.42 -4.92 5.87
C ILE A 302 9.24 -3.42 5.61
N GLU A 303 10.21 -2.81 4.90
CA GLU A 303 10.13 -1.42 4.47
C GLU A 303 10.50 -1.29 2.99
N GLU A 304 9.71 -0.53 2.23
CA GLU A 304 10.05 -0.27 0.84
C GLU A 304 9.68 1.15 0.53
N LYS A 305 10.43 1.77 -0.37
CA LYS A 305 10.18 3.13 -0.81
C LYS A 305 10.16 3.15 -2.34
N TYR A 306 9.30 4.00 -2.91
CA TYR A 306 9.12 4.02 -4.35
C TYR A 306 8.98 5.44 -4.86
N ASN A 307 9.57 5.72 -6.00
CA ASN A 307 9.18 6.89 -6.75
C ASN A 307 8.17 6.35 -7.74
N LEU A 308 6.90 6.74 -7.61
CA LEU A 308 5.86 6.10 -8.41
C LEU A 308 5.56 6.86 -9.68
N THR A 309 6.34 7.89 -10.01
CA THR A 309 6.03 8.73 -11.15
C THR A 309 5.91 7.92 -12.45
N SER A 310 6.93 7.11 -12.76
CA SER A 310 6.90 6.34 -14.02
C SER A 310 5.77 5.33 -14.02
N VAL A 311 5.56 4.66 -12.88
CA VAL A 311 4.49 3.69 -12.79
C VAL A 311 3.14 4.35 -13.07
N LEU A 312 2.89 5.51 -12.46
CA LEU A 312 1.57 6.10 -12.63
C LEU A 312 1.38 6.67 -14.03
N MET A 313 2.46 7.19 -14.64
CA MET A 313 2.38 7.58 -16.05
C MET A 313 2.06 6.39 -16.92
N ALA A 314 2.73 5.26 -16.66
CA ALA A 314 2.55 4.08 -17.49
C ALA A 314 1.15 3.51 -17.33
N LEU A 315 0.51 3.74 -16.17
CA LEU A 315 -0.89 3.37 -15.99
C LEU A 315 -1.86 4.28 -16.72
N GLY A 316 -1.38 5.39 -17.28
CA GLY A 316 -2.23 6.25 -18.09
C GLY A 316 -2.30 7.67 -17.60
N MET A 317 -1.76 7.98 -16.42
CA MET A 317 -1.82 9.35 -15.88
C MET A 317 -0.59 10.14 -16.31
N THR A 318 -0.41 10.24 -17.63
CA THR A 318 0.79 10.92 -18.12
C THR A 318 0.69 12.42 -17.88
N ASP A 319 -0.50 13.01 -18.11
CA ASP A 319 -0.61 14.47 -18.09
C ASP A 319 -0.25 15.08 -16.73
N LEU A 320 -0.52 14.34 -15.65
CA LEU A 320 -0.31 14.86 -14.32
C LEU A 320 1.15 15.22 -14.05
N PHE A 321 2.10 14.59 -14.76
CA PHE A 321 3.51 14.71 -14.45
C PHE A 321 4.30 15.48 -15.51
N ILE A 322 3.61 16.14 -16.42
CA ILE A 322 4.28 16.95 -17.44
C ILE A 322 3.68 18.35 -17.39
N PRO A 323 4.33 19.31 -18.03
CA PRO A 323 3.89 20.71 -17.88
C PRO A 323 2.47 20.99 -18.39
N SER A 324 1.91 20.15 -19.26
CA SER A 324 0.54 20.38 -19.72
C SER A 324 -0.53 19.87 -18.75
N ALA A 325 -0.13 19.40 -17.57
CA ALA A 325 -1.08 19.06 -16.53
C ALA A 325 -2.15 20.14 -16.38
N ASN A 326 -3.40 19.70 -16.21
CA ASN A 326 -4.51 20.62 -15.94
C ASN A 326 -4.90 20.41 -14.49
N LEU A 327 -4.36 21.24 -13.62
CA LEU A 327 -4.67 21.20 -12.19
C LEU A 327 -5.28 22.54 -11.79
N THR A 328 -6.09 23.11 -12.68
CA THR A 328 -6.70 24.41 -12.43
C THR A 328 -7.77 24.38 -11.36
N GLY A 329 -8.12 23.20 -10.82
CA GLY A 329 -8.91 23.20 -9.62
C GLY A 329 -8.10 23.27 -8.35
N ILE A 330 -6.77 23.20 -8.46
CA ILE A 330 -5.86 23.41 -7.34
C ILE A 330 -5.37 24.85 -7.30
N SER A 331 -4.94 25.35 -8.46
CA SER A 331 -4.32 26.67 -8.55
C SER A 331 -4.59 27.24 -9.93
N SER A 332 -4.68 28.57 -10.02
CA SER A 332 -4.71 29.27 -11.31
C SER A 332 -3.33 29.59 -11.85
N ALA A 333 -2.27 29.15 -11.19
CA ALA A 333 -0.92 29.51 -11.60
C ALA A 333 -0.59 28.96 -12.98
N GLU A 334 0.28 29.68 -13.70
CA GLU A 334 0.50 29.36 -15.11
C GLU A 334 1.03 27.95 -15.30
N SER A 335 2.08 27.58 -14.57
CA SER A 335 2.71 26.29 -14.71
C SER A 335 2.48 25.48 -13.44
N LEU A 336 2.12 24.22 -13.59
CA LEU A 336 1.80 23.41 -12.43
C LEU A 336 1.75 21.95 -12.85
N LYS A 337 2.42 21.08 -12.10
CA LYS A 337 2.40 19.66 -12.42
C LYS A 337 2.90 18.95 -11.18
N ILE A 338 2.72 17.63 -11.15
CA ILE A 338 3.29 16.85 -10.07
C ILE A 338 4.74 16.53 -10.42
N SER A 339 5.66 17.11 -9.67
CA SER A 339 7.08 16.86 -9.91
C SER A 339 7.52 15.44 -9.49
N GLN A 340 7.03 14.93 -8.36
CA GLN A 340 7.39 13.62 -7.87
C GLN A 340 6.19 13.12 -7.09
N ALA A 341 5.94 11.83 -7.17
CA ALA A 341 4.96 11.16 -6.34
C ALA A 341 5.73 10.04 -5.66
N VAL A 342 5.91 10.12 -4.33
CA VAL A 342 6.74 9.14 -3.65
C VAL A 342 5.91 8.43 -2.60
N HIS A 343 6.17 7.11 -2.42
CA HIS A 343 5.41 6.29 -1.49
C HIS A 343 6.39 5.51 -0.63
N GLY A 344 6.20 5.50 0.68
CA GLY A 344 7.02 4.69 1.57
C GLY A 344 6.08 3.82 2.36
N ALA A 345 6.44 2.53 2.50
CA ALA A 345 5.56 1.61 3.21
C ALA A 345 6.37 0.84 4.24
N PHE A 346 5.86 0.78 5.47
CA PHE A 346 6.47 -0.04 6.50
C PHE A 346 5.42 -0.93 7.13
N MET A 347 5.74 -2.23 7.31
CA MET A 347 4.81 -3.18 7.92
C MET A 347 5.57 -4.06 8.89
N GLU A 348 5.04 -4.21 10.11
CA GLU A 348 5.60 -5.10 11.11
C GLU A 348 4.50 -5.81 11.89
N LEU A 349 4.66 -7.12 12.07
CA LEU A 349 3.85 -7.83 13.05
C LEU A 349 4.77 -8.36 14.14
N SER A 350 4.46 -8.04 15.39
CA SER A 350 5.23 -8.52 16.54
C SER A 350 4.52 -9.71 17.17
N GLU A 351 5.27 -10.44 18.01
CA GLU A 351 4.71 -11.59 18.70
C GLU A 351 4.26 -11.19 20.11
N ASP A 352 3.71 -12.17 20.82
CA ASP A 352 3.43 -12.07 22.25
C ASP A 352 4.39 -12.99 23.01
N GLY A 353 4.80 -12.55 24.20
CA GLY A 353 5.70 -13.34 25.03
C GLY A 353 5.12 -14.67 25.45
N PRO A 370 -2.81 -34.28 17.40
CA PRO A 370 -3.67 -34.05 16.24
C PRO A 370 -2.87 -33.65 15.01
N GLU A 371 -3.19 -34.19 13.84
CA GLU A 371 -2.40 -33.89 12.66
C GLU A 371 -2.61 -32.44 12.25
N LEU A 372 -1.61 -31.89 11.57
CA LEU A 372 -1.63 -30.51 11.14
C LEU A 372 -1.34 -30.45 9.66
N GLU A 373 -2.07 -29.60 8.94
CA GLU A 373 -1.69 -29.27 7.57
C GLU A 373 -0.41 -28.44 7.57
N GLN A 374 0.51 -28.73 6.64
CA GLN A 374 1.75 -27.98 6.59
C GLN A 374 1.54 -26.67 5.86
N PHE A 375 2.09 -25.57 6.40
CA PHE A 375 2.15 -24.29 5.67
C PHE A 375 3.53 -23.71 5.95
N ARG A 376 4.53 -24.10 5.16
CA ARG A 376 5.93 -23.78 5.45
C ARG A 376 6.34 -22.71 4.45
N ALA A 377 6.30 -21.45 4.88
CA ALA A 377 6.59 -20.33 3.99
C ALA A 377 8.10 -20.06 3.99
N ASP A 378 8.82 -21.01 3.39
CA ASP A 378 10.28 -20.94 3.32
C ASP A 378 10.76 -20.80 1.87
N HIS A 379 9.94 -20.20 1.03
CA HIS A 379 10.29 -19.86 -0.33
C HIS A 379 9.34 -18.76 -0.76
N PRO A 380 9.62 -18.07 -1.87
CA PRO A 380 8.94 -16.78 -2.09
C PRO A 380 7.42 -16.90 -2.18
N PHE A 381 6.75 -15.86 -1.66
CA PHE A 381 5.30 -15.87 -1.54
C PHE A 381 4.77 -14.46 -1.66
N LEU A 382 3.46 -14.38 -1.89
CA LEU A 382 2.76 -13.12 -1.87
C LEU A 382 1.99 -12.97 -0.58
N PHE A 383 1.72 -11.72 -0.19
CA PHE A 383 0.91 -11.55 1.01
C PHE A 383 0.15 -10.23 0.87
N LEU A 384 -0.91 -10.11 1.67
CA LEU A 384 -1.61 -8.83 1.71
C LEU A 384 -2.23 -8.65 3.07
N ILE A 385 -2.46 -7.39 3.42
CA ILE A 385 -3.20 -7.07 4.63
C ILE A 385 -4.51 -6.46 4.18
N LYS A 386 -5.61 -7.04 4.64
CA LYS A 386 -6.93 -6.56 4.27
C LYS A 386 -7.71 -6.06 5.49
N HIS A 387 -8.63 -5.12 5.21
CA HIS A 387 -9.58 -4.63 6.20
C HIS A 387 -10.80 -5.54 6.14
N ASN A 388 -11.00 -6.38 7.15
CA ASN A 388 -12.03 -7.40 7.04
C ASN A 388 -13.45 -6.86 6.80
N PRO A 389 -13.90 -5.78 7.44
CA PRO A 389 -15.30 -5.35 7.24
C PRO A 389 -15.61 -4.87 5.83
N THR A 390 -14.60 -4.47 5.04
CA THR A 390 -14.81 -3.95 3.69
C THR A 390 -14.08 -4.72 2.60
N ASN A 391 -13.25 -5.69 2.95
CA ASN A 391 -12.37 -6.42 2.03
C ASN A 391 -11.38 -5.50 1.33
N THR A 392 -11.14 -4.32 1.86
CA THR A 392 -10.18 -3.42 1.24
C THR A 392 -8.74 -3.89 1.44
N ILE A 393 -7.98 -3.95 0.35
CA ILE A 393 -6.55 -4.24 0.45
C ILE A 393 -5.80 -3.03 0.99
N VAL A 394 -5.18 -3.19 2.15
CA VAL A 394 -4.43 -2.11 2.77
C VAL A 394 -2.95 -2.19 2.42
N TYR A 395 -2.36 -3.40 2.45
CA TYR A 395 -1.01 -3.61 1.94
C TYR A 395 -1.02 -4.76 0.97
N PHE A 396 -0.14 -4.68 -0.02
CA PHE A 396 0.10 -5.82 -0.91
C PHE A 396 1.61 -5.99 -1.05
N GLY A 397 2.07 -7.25 -1.10
CA GLY A 397 3.51 -7.42 -1.09
C GLY A 397 3.96 -8.77 -1.63
N ARG A 398 5.25 -8.83 -1.90
CA ARG A 398 5.97 -10.05 -2.25
C ARG A 398 7.11 -10.20 -1.27
N TYR A 399 7.19 -11.40 -0.62
CA TYR A 399 8.33 -11.77 0.18
C TYR A 399 9.23 -12.63 -0.71
N TRP A 400 10.30 -12.02 -1.21
CA TRP A 400 11.26 -12.68 -2.07
C TRP A 400 12.45 -13.24 -1.30
N SER A 401 13.01 -12.47 -0.35
CA SER A 401 14.24 -12.86 0.29
C SER A 401 14.38 -12.17 1.63
N PRO A 402 14.90 -12.84 2.66
CA PRO A 402 15.26 -12.08 3.85
C PRO A 402 16.44 -11.15 3.54
S SO4 B . 4.64 19.94 9.64
O1 SO4 B . 4.14 18.75 10.33
O2 SO4 B . 5.78 19.58 8.82
O3 SO4 B . 5.07 20.91 10.65
O4 SO4 B . 3.59 20.53 8.81
S SO4 C . -7.71 20.33 -21.45
O1 SO4 C . -7.09 19.70 -20.29
O2 SO4 C . -9.03 19.77 -21.73
O3 SO4 C . -7.86 21.77 -21.23
O4 SO4 C . -6.83 20.07 -22.59
S SO4 D . 3.25 9.25 18.23
O1 SO4 D . 2.62 9.31 19.55
O2 SO4 D . 3.93 7.97 18.06
O3 SO4 D . 2.22 9.37 17.20
O4 SO4 D . 4.21 10.35 18.10
S SO4 E . 8.56 -11.08 -12.00
O1 SO4 E . 8.19 -10.89 -10.59
O2 SO4 E . 8.07 -12.38 -12.45
O3 SO4 E . 7.99 -10.01 -12.80
O4 SO4 E . 10.02 -11.03 -12.09
C1 EDO F . -11.62 22.09 -5.81
O1 EDO F . -11.57 22.94 -6.96
C2 EDO F . -12.94 21.33 -5.77
O2 EDO F . -13.22 20.79 -7.07
C1 EDO G . 12.74 6.02 -3.85
O1 EDO G . 13.44 6.77 -4.88
C2 EDO G . 11.95 7.04 -3.04
O2 EDO G . 12.58 7.14 -1.75
C1 EDO H . 10.63 -12.33 -8.74
O1 EDO H . 11.28 -11.34 -9.54
C2 EDO H . 9.93 -13.34 -9.64
O2 EDO H . 8.81 -13.91 -8.96
#